data_3A8L
#
_entry.id   3A8L
#
_cell.length_a   114.324
_cell.length_b   60.104
_cell.length_c   81.885
_cell.angle_alpha   90.00
_cell.angle_beta   124.96
_cell.angle_gamma   90.00
#
_symmetry.space_group_name_H-M   'C 1 2 1'
#
loop_
_entity.id
_entity.type
_entity.pdbx_description
1 polymer 'Nitrile hydratase subunit alpha'
2 polymer 'Nitrile hydratase subunit beta'
3 non-polymer 'FE (III) ION'
4 water water
#
loop_
_entity_poly.entity_id
_entity_poly.type
_entity_poly.pdbx_seq_one_letter_code
_entity_poly.pdbx_strand_id
1 'polypeptide(L)'
;MSVTIDHTTENAAPAQAPVSDRAWALFRALDGKGLVPDGYVEGWKKTFEEDFSPRRGAELVARAWTDPEFRQLLLTDGTA
AVAQYGYLGPQGEYIVAVEDTPTLKNVIVCSL(CSD)A(CSO)TAWPILGLPPTWYKSFEYRARVVREPRKVLSEMGTEI
ASDIEIRVYDTTAETRYMVLPQRPAGTEGWSQEQLQEIVTKDCLIGVAIPQVPTV
;
A
2 'polypeptide(L)'
;MDGVHDLAGVQGFGKVPHTVNADIGPTFHAEWEHLPYSLMFAGVAELGAFSVDEVRYVVERMEPRHYMMTPYYERYVIGV
ATLMVEKGILTQDELESLAGGPFPLSRPSESEGRPAPVETTTFEVGQRVRVRDEYVPGHIRMPAYCRGRVGTISHRTTEK
WPFPDAIGHGRNDAGEEPTYHVKFAAEELFGSDTDGGSVVVDLFEGYLEPAA
;
B
#
loop_
_chem_comp.id
_chem_comp.type
_chem_comp.name
_chem_comp.formula
FE non-polymer 'FE (III) ION' 'Fe 3'
#
# COMPACT_ATOMS: atom_id res chain seq x y z
N GLU A 10 13.20 -9.84 -28.23
CA GLU A 10 11.99 -10.66 -28.54
C GLU A 10 10.88 -10.50 -27.48
N ASN A 11 11.17 -9.71 -26.44
CA ASN A 11 10.23 -9.44 -25.33
C ASN A 11 9.81 -10.69 -24.54
N ALA A 12 10.57 -11.77 -24.72
CA ALA A 12 10.29 -13.07 -24.09
C ALA A 12 10.57 -13.09 -22.59
N ALA A 13 9.89 -14.00 -21.90
CA ALA A 13 10.06 -14.20 -20.45
C ALA A 13 11.38 -14.88 -20.14
N PRO A 14 11.99 -14.56 -18.99
CA PRO A 14 13.17 -15.32 -18.56
C PRO A 14 12.76 -16.73 -18.16
N ALA A 15 13.62 -17.72 -18.44
CA ALA A 15 13.40 -19.08 -17.95
C ALA A 15 13.43 -19.02 -16.42
N GLN A 16 12.47 -19.70 -15.78
CA GLN A 16 12.41 -19.73 -14.32
C GLN A 16 11.91 -21.08 -13.82
N ALA A 17 12.54 -21.56 -12.75
CA ALA A 17 12.01 -22.72 -12.00
C ALA A 17 10.59 -22.38 -11.51
N PRO A 18 9.76 -23.40 -11.21
CA PRO A 18 8.43 -23.14 -10.63
C PRO A 18 8.50 -22.22 -9.41
N VAL A 19 7.57 -21.28 -9.30
CA VAL A 19 7.62 -20.32 -8.19
C VAL A 19 7.65 -20.98 -6.80
N SER A 20 6.90 -22.07 -6.63
CA SER A 20 6.89 -22.80 -5.35
C SER A 20 8.32 -23.26 -5.03
N ASP A 21 9.01 -23.76 -6.04
CA ASP A 21 10.39 -24.24 -5.87
C ASP A 21 11.32 -23.09 -5.50
N ARG A 22 11.13 -21.93 -6.13
CA ARG A 22 11.95 -20.75 -5.78
C ARG A 22 11.66 -20.22 -4.38
N ALA A 23 10.38 -20.13 -4.02
CA ALA A 23 10.00 -19.64 -2.70
C ALA A 23 10.53 -20.54 -1.58
N TRP A 24 10.37 -21.86 -1.74
CA TRP A 24 10.90 -22.80 -0.74
C TRP A 24 12.43 -22.84 -0.74
N ALA A 25 13.06 -22.60 -1.89
CA ALA A 25 14.53 -22.51 -1.97
C ALA A 25 15.03 -21.33 -1.11
N LEU A 26 14.36 -20.20 -1.23
CA LEU A 26 14.68 -19.04 -0.42
C LEU A 26 14.54 -19.38 1.08
N PHE A 27 13.43 -20.01 1.45
CA PHE A 27 13.24 -20.43 2.84
C PHE A 27 14.35 -21.35 3.32
N ARG A 28 14.61 -22.40 2.55
CA ARG A 28 15.61 -23.41 2.93
C ARG A 28 17.03 -22.83 3.02
N ALA A 29 17.37 -21.95 2.09
CA ALA A 29 18.70 -21.31 2.10
C ALA A 29 18.90 -20.51 3.39
N LEU A 30 17.88 -19.77 3.81
CA LEU A 30 17.97 -18.98 5.02
C LEU A 30 17.87 -19.85 6.26
N ASP A 31 16.92 -20.78 6.25
CA ASP A 31 16.70 -21.64 7.41
C ASP A 31 17.92 -22.53 7.67
N GLY A 32 18.57 -22.98 6.60
CA GLY A 32 19.74 -23.85 6.72
C GLY A 32 20.93 -23.17 7.36
N LYS A 33 20.89 -21.84 7.42
CA LYS A 33 21.97 -21.03 8.00
C LYS A 33 21.65 -20.51 9.39
N GLY A 34 20.53 -20.97 9.96
CA GLY A 34 20.12 -20.58 11.32
C GLY A 34 19.49 -19.21 11.42
N LEU A 35 19.14 -18.64 10.26
CA LEU A 35 18.65 -17.26 10.17
C LEU A 35 17.15 -17.10 10.38
N VAL A 36 16.42 -18.21 10.38
CA VAL A 36 14.98 -18.19 10.63
C VAL A 36 14.65 -18.93 11.94
N PRO A 37 14.21 -18.19 12.98
CA PRO A 37 13.85 -18.81 14.27
C PRO A 37 12.85 -19.96 14.11
N ASP A 38 12.88 -20.93 15.02
CA ASP A 38 11.94 -22.04 15.00
C ASP A 38 10.51 -21.52 15.00
N GLY A 39 9.67 -22.04 14.11
CA GLY A 39 8.25 -21.68 14.05
C GLY A 39 7.95 -20.28 13.53
N TYR A 40 8.97 -19.61 13.00
CA TYR A 40 8.85 -18.20 12.62
C TYR A 40 7.86 -17.96 11.48
N VAL A 41 8.03 -18.63 10.34
CA VAL A 41 7.13 -18.37 9.21
C VAL A 41 5.73 -18.93 9.47
N GLU A 42 5.66 -20.02 10.23
CA GLU A 42 4.40 -20.63 10.63
C GLU A 42 3.60 -19.67 11.52
N GLY A 43 4.31 -18.98 12.41
CA GLY A 43 3.73 -17.98 13.30
C GLY A 43 3.17 -16.81 12.52
N TRP A 44 3.94 -16.32 11.55
CA TRP A 44 3.47 -15.21 10.69
C TRP A 44 2.26 -15.63 9.86
N LYS A 45 2.29 -16.85 9.33
CA LYS A 45 1.17 -17.37 8.54
C LYS A 45 -0.12 -17.29 9.37
N LYS A 46 -0.01 -17.70 10.64
CA LYS A 46 -1.16 -17.72 11.54
C LYS A 46 -1.68 -16.30 11.77
N THR A 47 -0.76 -15.38 12.03
CA THR A 47 -1.10 -13.98 12.21
C THR A 47 -1.80 -13.43 10.97
N PHE A 48 -1.23 -13.70 9.79
CA PHE A 48 -1.79 -13.21 8.53
C PHE A 48 -3.19 -13.76 8.27
N GLU A 49 -3.41 -15.03 8.61
CA GLU A 49 -4.66 -15.71 8.31
C GLU A 49 -5.75 -15.50 9.34
N GLU A 50 -5.37 -15.35 10.61
CA GLU A 50 -6.31 -15.40 11.71
C GLU A 50 -6.48 -14.10 12.48
N ASP A 51 -5.42 -13.31 12.57
CA ASP A 51 -5.48 -12.08 13.36
C ASP A 51 -5.76 -10.86 12.50
N PHE A 52 -4.96 -10.65 11.46
CA PHE A 52 -5.19 -9.52 10.55
C PHE A 52 -6.50 -9.78 9.81
N SER A 53 -7.51 -8.94 10.03
CA SER A 53 -8.84 -9.28 9.53
C SER A 53 -9.70 -8.04 9.37
N PRO A 54 -10.48 -7.97 8.27
CA PRO A 54 -11.43 -6.85 8.11
C PRO A 54 -12.56 -6.86 9.16
N ARG A 55 -12.69 -7.97 9.91
CA ARG A 55 -13.65 -8.00 11.02
C ARG A 55 -13.30 -6.94 12.07
N ARG A 56 -12.00 -6.67 12.21
CA ARG A 56 -11.52 -5.67 13.16
C ARG A 56 -11.94 -4.28 12.70
N GLY A 57 -11.68 -3.95 11.44
CA GLY A 57 -12.14 -2.68 10.90
C GLY A 57 -13.65 -2.54 11.02
N ALA A 58 -14.39 -3.62 10.75
CA ALA A 58 -15.86 -3.60 10.89
C ALA A 58 -16.29 -3.27 12.32
N GLU A 59 -15.62 -3.85 13.30
CA GLU A 59 -15.85 -3.56 14.70
C GLU A 59 -15.65 -2.07 15.00
N LEU A 60 -14.60 -1.48 14.43
CA LEU A 60 -14.30 -0.07 14.63
C LEU A 60 -15.39 0.81 14.04
N VAL A 61 -15.85 0.45 12.85
CA VAL A 61 -16.91 1.22 12.19
C VAL A 61 -18.20 1.15 13.01
N ALA A 62 -18.60 -0.05 13.40
CA ALA A 62 -19.85 -0.22 14.16
C ALA A 62 -19.82 0.57 15.49
N ARG A 63 -18.66 0.59 16.13
CA ARG A 63 -18.47 1.39 17.35
C ARG A 63 -18.62 2.88 17.02
N ALA A 64 -17.90 3.34 15.99
CA ALA A 64 -18.01 4.73 15.55
C ALA A 64 -19.47 5.13 15.24
N TRP A 65 -20.21 4.21 14.61
CA TRP A 65 -21.60 4.47 14.24
C TRP A 65 -22.54 4.65 15.43
N THR A 66 -22.19 4.02 16.55
CA THR A 66 -23.07 4.01 17.73
C THR A 66 -22.58 4.84 18.92
N ASP A 67 -21.40 5.45 18.77
CA ASP A 67 -20.71 6.14 19.87
C ASP A 67 -20.09 7.42 19.29
N PRO A 68 -20.80 8.56 19.40
CA PRO A 68 -20.27 9.81 18.82
C PRO A 68 -18.88 10.21 19.33
N GLU A 69 -18.60 9.91 20.60
CA GLU A 69 -17.29 10.22 21.19
C GLU A 69 -16.17 9.40 20.53
N PHE A 70 -16.40 8.12 20.34
CA PHE A 70 -15.43 7.27 19.63
C PHE A 70 -15.27 7.67 18.15
N ARG A 71 -16.38 8.01 17.51
CA ARG A 71 -16.35 8.45 16.12
C ARG A 71 -15.39 9.63 15.97
N GLN A 72 -15.52 10.60 16.87
CA GLN A 72 -14.67 11.78 16.86
C GLN A 72 -13.19 11.45 17.08
N LEU A 73 -12.92 10.52 17.99
CA LEU A 73 -11.56 10.07 18.25
C LEU A 73 -10.99 9.34 17.02
N LEU A 74 -11.78 8.47 16.44
CA LEU A 74 -11.35 7.70 15.27
C LEU A 74 -10.97 8.60 14.10
N LEU A 75 -11.73 9.69 13.94
CA LEU A 75 -11.52 10.64 12.84
C LEU A 75 -10.40 11.67 13.09
N THR A 76 -10.02 11.84 14.36
CA THR A 76 -9.01 12.84 14.70
C THR A 76 -7.66 12.22 15.09
N ASP A 77 -7.73 11.06 15.71
CA ASP A 77 -6.54 10.31 16.09
C ASP A 77 -6.84 8.83 15.90
N GLY A 78 -6.80 8.40 14.64
CA GLY A 78 -7.14 7.02 14.28
C GLY A 78 -6.27 6.02 15.02
N THR A 79 -4.99 6.33 15.17
CA THR A 79 -4.05 5.45 15.87
C THR A 79 -4.50 5.18 17.30
N ALA A 80 -4.84 6.26 18.02
CA ALA A 80 -5.31 6.12 19.42
C ALA A 80 -6.57 5.25 19.52
N ALA A 81 -7.51 5.51 18.64
CA ALA A 81 -8.78 4.80 18.60
C ALA A 81 -8.55 3.30 18.37
N VAL A 82 -7.72 2.99 17.37
CA VAL A 82 -7.40 1.61 17.04
C VAL A 82 -6.65 0.91 18.19
N ALA A 83 -5.77 1.66 18.84
CA ALA A 83 -5.00 1.15 19.98
C ALA A 83 -5.89 0.73 21.14
N GLN A 84 -7.03 1.38 21.30
CA GLN A 84 -7.98 1.02 22.37
C GLN A 84 -8.47 -0.43 22.24
N TYR A 85 -8.58 -0.89 21.00
CA TYR A 85 -8.96 -2.27 20.69
C TYR A 85 -7.78 -3.23 20.61
N GLY A 86 -6.57 -2.69 20.67
CA GLY A 86 -5.35 -3.48 20.56
C GLY A 86 -5.06 -3.94 19.13
N TYR A 87 -5.52 -3.15 18.16
CA TYR A 87 -5.43 -3.57 16.76
C TYR A 87 -4.33 -2.86 15.94
N LEU A 88 -3.43 -2.14 16.61
CA LEU A 88 -2.22 -1.69 15.92
C LEU A 88 -1.35 -2.89 15.54
N GLY A 89 -0.57 -2.76 14.48
CA GLY A 89 0.30 -3.86 14.09
C GLY A 89 1.11 -3.49 12.87
N PRO A 90 1.85 -4.47 12.34
CA PRO A 90 2.67 -4.29 11.15
C PRO A 90 1.78 -3.75 10.02
N GLN A 91 2.29 -2.72 9.33
CA GLN A 91 1.57 -2.02 8.27
C GLN A 91 0.24 -1.42 8.77
N GLY A 92 0.23 -1.01 10.03
CA GLY A 92 -0.98 -0.42 10.63
C GLY A 92 -0.61 0.25 11.94
N GLU A 93 0.49 0.99 11.92
CA GLU A 93 1.00 1.66 13.12
C GLU A 93 0.57 3.13 13.18
N TYR A 94 0.33 3.74 12.03
CA TYR A 94 -0.17 5.11 11.96
C TYR A 94 -1.45 5.06 11.11
N ILE A 95 -2.60 5.18 11.78
CA ILE A 95 -3.89 4.98 11.13
C ILE A 95 -4.61 6.32 10.97
N VAL A 96 -5.15 6.54 9.78
CA VAL A 96 -6.08 7.62 9.55
C VAL A 96 -7.37 7.04 8.97
N ALA A 97 -8.48 7.32 9.62
CA ALA A 97 -9.79 6.96 9.10
C ALA A 97 -10.36 8.14 8.36
N VAL A 98 -10.97 7.88 7.20
CA VAL A 98 -11.51 8.94 6.36
C VAL A 98 -13.02 8.81 6.22
N GLU A 99 -13.71 9.93 6.44
CA GLU A 99 -15.15 9.93 6.66
C GLU A 99 -15.94 10.17 5.36
N ASP A 100 -16.73 9.18 4.95
CA ASP A 100 -17.72 9.39 3.89
C ASP A 100 -18.84 10.30 4.40
N THR A 101 -19.38 11.11 3.51
CA THR A 101 -20.46 12.04 3.83
C THR A 101 -21.50 12.02 2.70
N PRO A 102 -22.66 12.69 2.88
CA PRO A 102 -23.61 12.73 1.78
C PRO A 102 -23.06 13.36 0.49
N THR A 103 -21.90 14.01 0.55
CA THR A 103 -21.30 14.62 -0.65
C THR A 103 -19.88 14.14 -0.95
N LEU A 104 -19.43 13.09 -0.28
CA LEU A 104 -18.03 12.65 -0.44
C LEU A 104 -17.92 11.15 -0.26
N LYS A 105 -17.28 10.51 -1.24
CA LYS A 105 -16.98 9.07 -1.16
C LYS A 105 -15.47 8.91 -1.26
N ASN A 106 -14.91 8.23 -0.27
CA ASN A 106 -13.48 7.97 -0.20
C ASN A 106 -13.13 6.56 -0.66
N VAL A 107 -11.99 6.45 -1.34
CA VAL A 107 -11.48 5.16 -1.84
C VAL A 107 -9.99 5.12 -1.62
N ILE A 108 -9.46 3.96 -1.24
CA ILE A 108 -8.04 3.78 -0.96
C ILE A 108 -7.36 2.88 -2.00
N VAL A 109 -6.13 3.24 -2.34
CA VAL A 109 -5.28 2.43 -3.24
C VAL A 109 -3.82 2.56 -2.82
N CYS A 110 -2.97 1.64 -3.29
CA CYS A 110 -1.53 1.90 -3.31
C CYS A 110 -1.09 1.77 -4.76
N SER A 111 -1.00 2.90 -5.47
CA SER A 111 -0.69 2.82 -6.88
C SER A 111 0.72 2.27 -7.15
N LEU A 112 1.63 2.44 -6.19
CA LEU A 112 3.03 2.05 -6.37
C LEU A 112 3.33 0.60 -5.99
N CSD A 113 2.40 -0.06 -5.27
CA CSD A 113 2.57 -1.47 -4.83
CB CSD A 113 3.78 -1.67 -3.93
SG CSD A 113 3.77 -0.49 -2.51
C CSD A 113 1.31 -2.09 -4.28
O CSD A 113 0.52 -2.65 -5.06
OD1 CSD A 113 5.00 -1.04 -1.64
OD2 CSD A 113 4.09 0.88 -3.10
N ALA A 114 1.08 -2.04 -2.96
CA ALA A 114 -0.11 -2.71 -2.40
C ALA A 114 -0.47 -2.26 -0.99
N CSO A 115 0.22 -1.21 -0.56
CA CSO A 115 0.12 -0.70 0.79
CB CSO A 115 0.84 0.66 0.93
SG CSO A 115 2.46 0.52 0.14
C CSO A 115 -1.33 -0.64 1.28
O CSO A 115 -2.21 -0.10 0.61
OD CSO A 115 3.42 -0.28 1.33
N THR A 116 -1.52 -1.23 2.45
CA THR A 116 -2.83 -1.51 3.03
C THR A 116 -2.69 -1.55 4.56
N ALA A 117 -3.72 -1.09 5.28
CA ALA A 117 -3.76 -1.22 6.74
C ALA A 117 -3.99 -2.70 7.12
N TRP A 118 -2.95 -3.54 7.04
CA TRP A 118 -3.10 -5.00 7.28
C TRP A 118 -3.90 -5.41 8.53
N PRO A 119 -3.55 -4.86 9.72
CA PRO A 119 -4.18 -5.45 10.92
C PRO A 119 -5.70 -5.28 10.99
N ILE A 120 -6.23 -4.25 10.35
CA ILE A 120 -7.66 -3.92 10.48
C ILE A 120 -8.48 -4.14 9.20
N LEU A 121 -7.79 -4.25 8.06
CA LEU A 121 -8.42 -4.58 6.78
C LEU A 121 -8.12 -6.01 6.30
N GLY A 122 -7.11 -6.63 6.92
CA GLY A 122 -6.54 -7.87 6.37
C GLY A 122 -5.58 -7.59 5.23
N LEU A 123 -4.79 -8.60 4.88
CA LEU A 123 -3.86 -8.46 3.76
C LEU A 123 -4.64 -8.12 2.49
N PRO A 124 -4.03 -7.32 1.58
CA PRO A 124 -4.76 -6.92 0.38
C PRO A 124 -5.10 -8.13 -0.51
N PRO A 125 -6.28 -8.11 -1.13
CA PRO A 125 -6.66 -9.16 -2.07
C PRO A 125 -6.02 -8.93 -3.43
N THR A 126 -5.96 -10.00 -4.23
CA THR A 126 -5.36 -9.94 -5.56
C THR A 126 -5.85 -8.73 -6.38
N TRP A 127 -7.16 -8.48 -6.36
CA TRP A 127 -7.70 -7.40 -7.20
C TRP A 127 -7.14 -6.01 -6.82
N TYR A 128 -6.89 -5.79 -5.54
CA TYR A 128 -6.39 -4.50 -5.07
C TYR A 128 -4.95 -4.29 -5.54
N LYS A 129 -4.21 -5.39 -5.62
CA LYS A 129 -2.83 -5.39 -6.09
C LYS A 129 -2.75 -5.41 -7.63
N SER A 130 -3.88 -5.51 -8.31
CA SER A 130 -3.86 -5.64 -9.78
C SER A 130 -3.38 -4.36 -10.44
N PHE A 131 -2.74 -4.50 -11.59
CA PHE A 131 -2.32 -3.33 -12.35
C PHE A 131 -3.55 -2.52 -12.77
N GLU A 132 -4.65 -3.22 -13.03
CA GLU A 132 -5.90 -2.55 -13.42
C GLU A 132 -6.34 -1.55 -12.35
N TYR A 133 -6.38 -1.98 -11.10
CA TYR A 133 -6.84 -1.12 -10.01
C TYR A 133 -5.82 -0.02 -9.74
N ARG A 134 -4.55 -0.41 -9.67
CA ARG A 134 -3.47 0.55 -9.43
C ARG A 134 -3.38 1.66 -10.50
N ALA A 135 -3.62 1.32 -11.77
CA ALA A 135 -3.56 2.31 -12.84
C ALA A 135 -4.82 3.17 -12.91
N ARG A 136 -5.96 2.52 -12.73
CA ARG A 136 -7.22 3.17 -13.11
C ARG A 136 -7.91 3.93 -12.02
N VAL A 137 -7.90 3.42 -10.80
CA VAL A 137 -8.75 4.06 -9.76
C VAL A 137 -8.35 5.50 -9.45
N VAL A 138 -7.08 5.84 -9.60
CA VAL A 138 -6.62 7.23 -9.35
C VAL A 138 -7.22 8.20 -10.36
N ARG A 139 -7.42 7.73 -11.59
CA ARG A 139 -7.79 8.59 -12.70
C ARG A 139 -9.28 8.52 -13.06
N GLU A 140 -9.87 7.34 -12.92
CA GLU A 140 -11.29 7.19 -13.23
C GLU A 140 -12.00 6.35 -12.16
N PRO A 141 -11.98 6.84 -10.90
CA PRO A 141 -12.59 6.09 -9.81
C PRO A 141 -14.08 5.85 -9.99
N ARG A 142 -14.80 6.80 -10.58
CA ARG A 142 -16.24 6.62 -10.75
C ARG A 142 -16.55 5.41 -11.65
N LYS A 143 -15.83 5.34 -12.78
CA LYS A 143 -16.01 4.23 -13.71
C LYS A 143 -15.56 2.90 -13.09
N VAL A 144 -14.42 2.92 -12.39
CA VAL A 144 -13.95 1.70 -11.72
C VAL A 144 -14.98 1.19 -10.72
N LEU A 145 -15.46 2.05 -9.84
CA LEU A 145 -16.45 1.62 -8.86
C LEU A 145 -17.71 1.12 -9.56
N SER A 146 -18.13 1.82 -10.61
CA SER A 146 -19.33 1.42 -11.35
C SER A 146 -19.18 0.00 -11.89
N GLU A 147 -18.03 -0.29 -12.49
CA GLU A 147 -17.74 -1.62 -13.05
C GLU A 147 -17.71 -2.69 -11.96
N MET A 148 -17.28 -2.30 -10.77
CA MET A 148 -17.20 -3.20 -9.64
C MET A 148 -18.57 -3.41 -8.99
N GLY A 149 -19.57 -2.63 -9.40
CA GLY A 149 -20.94 -2.76 -8.85
C GLY A 149 -21.40 -1.66 -7.89
N THR A 150 -20.67 -0.56 -7.81
CA THR A 150 -21.00 0.53 -6.91
C THR A 150 -21.21 1.80 -7.71
N GLU A 151 -22.46 2.27 -7.74
CA GLU A 151 -22.77 3.50 -8.45
C GLU A 151 -22.67 4.69 -7.51
N ILE A 152 -21.81 5.62 -7.85
CA ILE A 152 -21.68 6.84 -7.07
C ILE A 152 -22.30 7.96 -7.89
N ALA A 153 -23.33 8.58 -7.32
CA ALA A 153 -24.04 9.69 -7.95
C ALA A 153 -23.14 10.88 -8.28
N SER A 154 -23.52 11.60 -9.33
CA SER A 154 -22.81 12.78 -9.84
C SER A 154 -22.52 13.86 -8.80
N ASP A 155 -23.36 13.95 -7.77
CA ASP A 155 -23.23 15.04 -6.82
C ASP A 155 -22.51 14.62 -5.54
N ILE A 156 -21.85 13.46 -5.63
CA ILE A 156 -20.92 13.02 -4.62
C ILE A 156 -19.50 13.13 -5.21
N GLU A 157 -18.62 13.88 -4.54
CA GLU A 157 -17.20 13.98 -4.89
C GLU A 157 -16.54 12.67 -4.53
N ILE A 158 -15.71 12.12 -5.44
CA ILE A 158 -14.91 10.96 -5.09
C ILE A 158 -13.49 11.44 -4.77
N ARG A 159 -12.97 10.95 -3.64
CA ARG A 159 -11.63 11.28 -3.19
C ARG A 159 -10.85 10.00 -3.07
N VAL A 160 -9.75 9.91 -3.82
CA VAL A 160 -8.91 8.72 -3.81
C VAL A 160 -7.69 9.02 -2.95
N TYR A 161 -7.45 8.16 -1.95
CA TYR A 161 -6.25 8.25 -1.14
C TYR A 161 -5.22 7.26 -1.65
N ASP A 162 -4.08 7.78 -2.14
CA ASP A 162 -3.00 6.93 -2.63
C ASP A 162 -2.01 6.72 -1.47
N THR A 163 -1.84 5.45 -1.08
CA THR A 163 -1.08 5.08 0.11
C THR A 163 0.42 5.03 -0.21
N THR A 164 1.04 6.22 -0.24
CA THR A 164 2.39 6.38 -0.77
C THR A 164 3.47 6.45 0.30
N ALA A 165 3.07 6.56 1.57
CA ALA A 165 4.05 6.63 2.65
C ALA A 165 3.68 5.71 3.79
N GLU A 166 3.68 6.22 5.03
CA GLU A 166 3.41 5.38 6.20
C GLU A 166 1.99 5.47 6.77
N THR A 167 1.23 6.49 6.38
CA THR A 167 -0.19 6.52 6.80
C THR A 167 -0.88 5.29 6.24
N ARG A 168 -1.67 4.64 7.08
CA ARG A 168 -2.46 3.50 6.64
C ARG A 168 -3.92 3.84 6.87
N TYR A 169 -4.72 3.70 5.82
CA TYR A 169 -6.08 4.24 5.82
C TYR A 169 -7.18 3.19 5.99
N MET A 170 -8.30 3.62 6.57
CA MET A 170 -9.56 2.88 6.51
C MET A 170 -10.64 3.90 6.17
N VAL A 171 -11.64 3.46 5.42
CA VAL A 171 -12.81 4.29 5.17
C VAL A 171 -13.86 4.07 6.26
N LEU A 172 -14.41 5.16 6.78
CA LEU A 172 -15.60 5.11 7.62
C LEU A 172 -16.81 5.39 6.72
N PRO A 173 -17.52 4.34 6.29
CA PRO A 173 -18.61 4.59 5.35
C PRO A 173 -19.79 5.25 6.05
N GLN A 174 -20.71 5.81 5.28
CA GLN A 174 -21.96 6.31 5.84
C GLN A 174 -22.77 5.16 6.41
N ARG A 175 -23.48 5.42 7.50
CA ARG A 175 -24.39 4.41 8.03
C ARG A 175 -25.68 4.40 7.21
N PRO A 176 -26.02 3.23 6.63
CA PRO A 176 -27.21 3.19 5.77
C PRO A 176 -28.52 3.26 6.54
N ALA A 177 -29.52 3.88 5.93
CA ALA A 177 -30.88 3.86 6.48
C ALA A 177 -31.37 2.43 6.65
N GLY A 178 -32.25 2.22 7.62
CA GLY A 178 -32.80 0.91 7.88
C GLY A 178 -31.99 0.12 8.90
N THR A 179 -30.97 0.76 9.47
CA THR A 179 -30.16 0.13 10.52
C THR A 179 -30.35 0.79 11.88
N GLU A 180 -31.37 1.63 12.01
CA GLU A 180 -31.59 2.36 13.25
C GLU A 180 -31.82 1.39 14.41
N GLY A 181 -31.06 1.56 15.47
CA GLY A 181 -31.22 0.74 16.67
C GLY A 181 -30.52 -0.60 16.64
N TRP A 182 -29.89 -0.95 15.51
CA TRP A 182 -29.13 -2.21 15.42
C TRP A 182 -28.01 -2.27 16.45
N SER A 183 -27.70 -3.47 16.91
CA SER A 183 -26.61 -3.67 17.84
C SER A 183 -25.30 -3.54 17.08
N GLN A 184 -24.20 -3.40 17.83
CA GLN A 184 -22.86 -3.35 17.23
C GLN A 184 -22.58 -4.63 16.42
N GLU A 185 -22.98 -5.79 16.94
CA GLU A 185 -22.81 -7.05 16.20
C GLU A 185 -23.55 -7.06 14.87
N GLN A 186 -24.79 -6.56 14.88
CA GLN A 186 -25.59 -6.49 13.66
C GLN A 186 -24.98 -5.54 12.62
N LEU A 187 -24.48 -4.41 13.10
CA LEU A 187 -23.83 -3.41 12.23
C LEU A 187 -22.51 -3.95 11.68
N GLN A 188 -21.72 -4.59 12.52
CA GLN A 188 -20.44 -5.16 12.08
C GLN A 188 -20.60 -6.06 10.88
N GLU A 189 -21.72 -6.80 10.85
CA GLU A 189 -21.97 -7.81 9.83
C GLU A 189 -22.04 -7.23 8.42
N ILE A 190 -22.54 -5.99 8.29
CA ILE A 190 -22.72 -5.39 6.98
C ILE A 190 -21.54 -4.53 6.53
N VAL A 191 -20.55 -4.36 7.40
CA VAL A 191 -19.32 -3.66 7.04
C VAL A 191 -18.29 -4.69 6.55
N THR A 192 -18.08 -4.73 5.24
CA THR A 192 -17.20 -5.72 4.62
C THR A 192 -15.81 -5.15 4.34
N LYS A 193 -14.88 -6.03 3.96
CA LYS A 193 -13.55 -5.63 3.54
C LYS A 193 -13.63 -4.52 2.49
N ASP A 194 -14.49 -4.71 1.49
CA ASP A 194 -14.62 -3.74 0.40
C ASP A 194 -15.17 -2.39 0.86
N CYS A 195 -15.99 -2.40 1.91
CA CYS A 195 -16.47 -1.14 2.51
C CYS A 195 -15.31 -0.37 3.15
N LEU A 196 -14.41 -1.09 3.80
CA LEU A 196 -13.24 -0.47 4.46
C LEU A 196 -12.22 0.09 3.47
N ILE A 197 -12.09 -0.56 2.32
CA ILE A 197 -11.21 -0.09 1.25
C ILE A 197 -11.86 1.09 0.54
N GLY A 198 -13.19 1.06 0.44
CA GLY A 198 -13.98 2.19 -0.07
C GLY A 198 -14.65 1.94 -1.39
N VAL A 199 -14.49 0.74 -1.94
CA VAL A 199 -15.11 0.41 -3.23
C VAL A 199 -16.56 -0.04 -3.13
N ALA A 200 -17.01 -0.38 -1.92
CA ALA A 200 -18.39 -0.81 -1.65
C ALA A 200 -19.04 0.07 -0.59
N ILE A 201 -20.37 0.13 -0.65
CA ILE A 201 -21.18 0.81 0.37
C ILE A 201 -21.90 -0.30 1.15
N PRO A 202 -21.95 -0.19 2.50
CA PRO A 202 -22.66 -1.19 3.31
C PRO A 202 -24.11 -1.38 2.84
N GLN A 203 -24.52 -2.64 2.73
CA GLN A 203 -25.83 -3.03 2.20
C GLN A 203 -26.74 -3.54 3.32
N VAL A 204 -27.98 -3.06 3.33
CA VAL A 204 -28.99 -3.54 4.28
C VAL A 204 -29.91 -4.50 3.53
N PRO A 205 -30.09 -5.74 4.04
CA PRO A 205 -31.01 -6.73 3.46
C PRO A 205 -32.44 -6.21 3.27
N THR A 206 -33.11 -6.73 2.23
CA THR A 206 -34.45 -6.30 1.84
C THR A 206 -35.52 -6.90 2.74
N MET B 1 12.25 6.57 -9.06
CA MET B 1 12.58 5.79 -10.29
C MET B 1 11.37 5.74 -11.20
N ASP B 2 11.52 6.23 -12.42
CA ASP B 2 10.40 6.31 -13.37
C ASP B 2 10.15 4.95 -14.01
N GLY B 3 9.91 3.95 -13.17
CA GLY B 3 9.79 2.57 -13.66
C GLY B 3 8.38 2.23 -14.06
N VAL B 4 8.20 1.05 -14.64
CA VAL B 4 6.86 0.60 -15.01
C VAL B 4 5.92 0.38 -13.82
N HIS B 5 6.49 0.26 -12.61
CA HIS B 5 5.69 0.15 -11.38
C HIS B 5 4.85 1.42 -11.08
N ASP B 6 5.21 2.54 -11.69
CA ASP B 6 4.53 3.79 -11.40
C ASP B 6 3.33 3.83 -12.35
N LEU B 7 2.28 3.12 -11.93
CA LEU B 7 1.15 2.79 -12.83
C LEU B 7 -0.01 3.77 -12.81
N ALA B 8 -0.12 4.57 -11.76
CA ALA B 8 -1.25 5.50 -11.65
C ALA B 8 -1.37 6.36 -12.89
N GLY B 9 -2.56 6.37 -13.50
CA GLY B 9 -2.80 7.19 -14.66
C GLY B 9 -2.53 6.53 -15.99
N VAL B 10 -1.86 5.37 -15.98
CA VAL B 10 -1.64 4.63 -17.23
C VAL B 10 -2.98 4.18 -17.79
N GLN B 11 -3.12 4.34 -19.10
CA GLN B 11 -4.37 4.03 -19.81
C GLN B 11 -4.21 2.79 -20.66
N GLY B 12 -5.31 2.06 -20.85
CA GLY B 12 -5.33 0.84 -21.67
C GLY B 12 -5.61 -0.43 -20.90
N PHE B 13 -5.54 -0.38 -19.59
CA PHE B 13 -5.93 -1.55 -18.80
C PHE B 13 -7.43 -1.80 -18.84
N GLY B 14 -7.80 -3.07 -18.72
CA GLY B 14 -9.20 -3.45 -18.66
C GLY B 14 -9.83 -3.41 -17.28
N LYS B 15 -10.87 -4.23 -17.11
CA LYS B 15 -11.65 -4.22 -15.86
C LYS B 15 -10.85 -4.77 -14.70
N VAL B 16 -11.07 -4.18 -13.53
CA VAL B 16 -10.52 -4.73 -12.29
C VAL B 16 -11.17 -6.10 -12.09
N PRO B 17 -10.36 -7.14 -11.79
CA PRO B 17 -10.91 -8.50 -11.63
C PRO B 17 -11.61 -8.76 -10.29
N HIS B 18 -12.70 -8.03 -10.06
CA HIS B 18 -13.46 -8.11 -8.83
C HIS B 18 -14.77 -7.39 -8.98
N THR B 19 -15.81 -7.95 -8.40
CA THR B 19 -17.04 -7.18 -8.18
C THR B 19 -17.24 -7.15 -6.68
N VAL B 20 -17.90 -6.11 -6.19
CA VAL B 20 -17.92 -5.85 -4.76
C VAL B 20 -18.47 -7.04 -3.97
N ASN B 21 -17.77 -7.34 -2.89
CA ASN B 21 -18.10 -8.41 -1.94
C ASN B 21 -18.04 -9.83 -2.51
N ALA B 22 -17.48 -9.97 -3.71
CA ALA B 22 -17.25 -11.31 -4.27
C ALA B 22 -16.26 -12.06 -3.41
N ASP B 23 -16.40 -13.38 -3.40
CA ASP B 23 -15.51 -14.27 -2.68
C ASP B 23 -14.07 -14.07 -3.17
N ILE B 24 -13.16 -13.77 -2.27
CA ILE B 24 -11.75 -13.58 -2.68
C ILE B 24 -10.92 -14.83 -2.33
N GLY B 25 -11.59 -15.83 -1.79
CA GLY B 25 -10.91 -17.07 -1.41
C GLY B 25 -10.08 -16.90 -0.14
N PRO B 26 -9.21 -17.88 0.18
CA PRO B 26 -8.37 -17.78 1.36
C PRO B 26 -7.33 -16.68 1.22
N THR B 27 -6.75 -16.28 2.34
CA THR B 27 -5.68 -15.30 2.36
C THR B 27 -4.55 -15.69 1.40
N PHE B 28 -4.14 -16.95 1.46
CA PHE B 28 -3.10 -17.48 0.58
C PHE B 28 -3.68 -18.55 -0.30
N HIS B 29 -3.41 -18.43 -1.59
CA HIS B 29 -3.95 -19.33 -2.60
C HIS B 29 -2.99 -20.43 -2.97
N ALA B 30 -1.81 -20.40 -2.36
CA ALA B 30 -0.82 -21.45 -2.55
C ALA B 30 0.01 -21.57 -1.29
N GLU B 31 0.58 -22.75 -1.07
CA GLU B 31 1.22 -23.06 0.20
C GLU B 31 2.52 -22.29 0.47
N TRP B 32 3.06 -21.64 -0.56
CA TRP B 32 4.29 -20.85 -0.43
C TRP B 32 4.01 -19.35 -0.18
N GLU B 33 2.76 -18.90 -0.36
CA GLU B 33 2.51 -17.45 -0.45
C GLU B 33 2.75 -16.63 0.82
N HIS B 34 2.78 -17.28 1.99
CA HIS B 34 3.10 -16.57 3.24
C HIS B 34 4.59 -16.31 3.41
N LEU B 35 5.39 -16.98 2.57
CA LEU B 35 6.85 -16.87 2.67
C LEU B 35 7.44 -15.48 2.35
N PRO B 36 7.02 -14.83 1.24
CA PRO B 36 7.59 -13.50 0.99
C PRO B 36 7.50 -12.54 2.17
N TYR B 37 6.31 -12.39 2.77
CA TYR B 37 6.18 -11.42 3.87
C TYR B 37 6.93 -11.88 5.11
N SER B 38 6.80 -13.18 5.41
CA SER B 38 7.42 -13.69 6.64
C SER B 38 8.94 -13.63 6.54
N LEU B 39 9.49 -13.92 5.36
CA LEU B 39 10.94 -13.79 5.16
C LEU B 39 11.42 -12.34 5.05
N MET B 40 10.57 -11.45 4.55
N MET B 40 10.58 -11.45 4.54
CA MET B 40 10.90 -10.04 4.62
CA MET B 40 10.86 -10.02 4.63
C MET B 40 11.02 -9.59 6.08
C MET B 40 11.06 -9.64 6.09
N PHE B 41 10.11 -10.05 6.94
CA PHE B 41 10.16 -9.73 8.38
C PHE B 41 11.37 -10.32 9.06
N ALA B 42 11.73 -11.54 8.67
CA ALA B 42 12.99 -12.11 9.15
C ALA B 42 14.16 -11.19 8.78
N GLY B 43 14.21 -10.74 7.52
CA GLY B 43 15.28 -9.85 7.06
C GLY B 43 15.30 -8.52 7.77
N VAL B 44 14.12 -7.91 7.94
CA VAL B 44 14.01 -6.58 8.55
C VAL B 44 14.21 -6.63 10.07
N ALA B 45 13.43 -7.50 10.73
CA ALA B 45 13.29 -7.44 12.18
C ALA B 45 14.27 -8.35 12.92
N GLU B 46 14.58 -9.49 12.32
CA GLU B 46 15.46 -10.46 12.98
C GLU B 46 16.92 -10.27 12.58
N LEU B 47 17.18 -10.12 11.28
CA LEU B 47 18.54 -10.02 10.77
C LEU B 47 19.04 -8.57 10.72
N GLY B 48 18.11 -7.63 10.63
CA GLY B 48 18.47 -6.23 10.40
C GLY B 48 19.26 -6.00 9.11
N ALA B 49 18.97 -6.81 8.09
CA ALA B 49 19.75 -6.80 6.84
C ALA B 49 19.32 -5.71 5.86
N PHE B 50 18.05 -5.32 5.95
CA PHE B 50 17.50 -4.30 5.06
C PHE B 50 16.22 -3.71 5.68
N SER B 51 15.76 -2.59 5.13
CA SER B 51 14.50 -1.96 5.52
C SER B 51 13.37 -2.40 4.58
N VAL B 52 12.13 -2.10 4.97
N VAL B 52 12.13 -2.08 4.97
CA VAL B 52 10.99 -2.35 4.07
CA VAL B 52 10.99 -2.34 4.09
C VAL B 52 11.17 -1.51 2.79
C VAL B 52 11.14 -1.50 2.80
N ASP B 53 11.71 -0.30 2.93
CA ASP B 53 11.94 0.58 1.77
C ASP B 53 12.84 -0.09 0.73
N GLU B 54 13.86 -0.79 1.22
CA GLU B 54 14.75 -1.55 0.32
C GLU B 54 14.01 -2.66 -0.43
N VAL B 55 13.01 -3.27 0.21
CA VAL B 55 12.17 -4.29 -0.46
C VAL B 55 11.34 -3.63 -1.56
N ARG B 56 10.74 -2.49 -1.27
CA ARG B 56 9.98 -1.80 -2.31
C ARG B 56 10.89 -1.47 -3.50
N TYR B 57 12.08 -0.94 -3.20
CA TYR B 57 12.95 -0.55 -4.28
C TYR B 57 13.47 -1.75 -5.10
N VAL B 58 13.81 -2.85 -4.43
CA VAL B 58 14.32 -4.00 -5.18
C VAL B 58 13.24 -4.59 -6.13
N VAL B 59 11.98 -4.54 -5.72
CA VAL B 59 10.89 -4.93 -6.62
C VAL B 59 10.77 -3.95 -7.80
N GLU B 60 10.92 -2.64 -7.54
CA GLU B 60 10.97 -1.65 -8.61
C GLU B 60 12.10 -1.92 -9.60
N ARG B 61 13.14 -2.61 -9.12
CA ARG B 61 14.33 -2.89 -9.92
C ARG B 61 14.22 -4.16 -10.77
N MET B 62 13.10 -4.85 -10.68
CA MET B 62 12.86 -5.97 -11.59
C MET B 62 12.95 -5.51 -13.03
N GLU B 63 13.53 -6.33 -13.90
CA GLU B 63 13.53 -5.98 -15.32
C GLU B 63 12.05 -5.72 -15.70
N PRO B 64 11.78 -4.63 -16.47
CA PRO B 64 10.39 -4.21 -16.69
C PRO B 64 9.42 -5.27 -17.23
N ARG B 65 9.85 -6.01 -18.24
CA ARG B 65 9.00 -7.07 -18.78
C ARG B 65 8.74 -8.16 -17.73
N HIS B 66 9.76 -8.45 -16.93
CA HIS B 66 9.65 -9.41 -15.83
C HIS B 66 8.61 -8.92 -14.79
N TYR B 67 8.72 -7.65 -14.37
CA TYR B 67 7.75 -7.07 -13.47
C TYR B 67 6.33 -7.24 -14.01
N MET B 68 6.14 -6.92 -15.29
CA MET B 68 4.79 -6.90 -15.87
C MET B 68 4.10 -8.27 -15.98
N MET B 69 4.88 -9.35 -16.03
N MET B 69 4.88 -9.35 -15.98
CA MET B 69 4.27 -10.69 -16.16
CA MET B 69 4.35 -10.71 -16.17
C MET B 69 4.36 -11.54 -14.88
C MET B 69 4.23 -11.48 -14.85
N THR B 70 4.74 -10.90 -13.78
CA THR B 70 4.90 -11.61 -12.49
C THR B 70 3.83 -11.19 -11.45
N PRO B 71 3.13 -12.18 -10.85
CA PRO B 71 2.16 -11.82 -9.81
C PRO B 71 2.84 -11.23 -8.59
N TYR B 72 2.09 -10.47 -7.80
CA TYR B 72 2.61 -9.74 -6.65
C TYR B 72 3.47 -10.60 -5.71
N TYR B 73 2.94 -11.70 -5.19
CA TYR B 73 3.70 -12.44 -4.17
C TYR B 73 5.03 -12.96 -4.74
N GLU B 74 5.02 -13.32 -6.02
CA GLU B 74 6.25 -13.78 -6.66
C GLU B 74 7.26 -12.64 -6.79
N ARG B 75 6.77 -11.43 -7.09
CA ARG B 75 7.69 -10.28 -7.16
C ARG B 75 8.43 -10.13 -5.83
N TYR B 76 7.69 -10.33 -4.74
N TYR B 76 7.74 -10.38 -4.71
CA TYR B 76 8.23 -10.19 -3.40
CA TYR B 76 8.39 -10.19 -3.40
C TYR B 76 9.30 -11.25 -3.10
C TYR B 76 9.31 -11.31 -2.99
N VAL B 77 9.03 -12.51 -3.47
CA VAL B 77 10.00 -13.60 -3.37
C VAL B 77 11.27 -13.22 -4.12
N ILE B 78 11.13 -12.77 -5.36
CA ILE B 78 12.28 -12.34 -6.17
C ILE B 78 13.02 -11.20 -5.48
N GLY B 79 12.27 -10.22 -4.97
CA GLY B 79 12.86 -9.06 -4.29
C GLY B 79 13.67 -9.45 -3.07
N VAL B 80 13.04 -10.22 -2.18
CA VAL B 80 13.72 -10.61 -0.94
C VAL B 80 14.96 -11.43 -1.25
N ALA B 81 14.83 -12.38 -2.17
CA ALA B 81 15.99 -13.18 -2.62
C ALA B 81 17.11 -12.31 -3.15
N THR B 82 16.76 -11.31 -3.96
CA THR B 82 17.77 -10.40 -4.53
C THR B 82 18.51 -9.69 -3.41
N LEU B 83 17.77 -9.18 -2.44
CA LEU B 83 18.37 -8.45 -1.32
C LEU B 83 19.30 -9.34 -0.51
N MET B 84 18.88 -10.58 -0.29
CA MET B 84 19.71 -11.54 0.43
C MET B 84 21.03 -11.77 -0.32
N VAL B 85 20.98 -11.83 -1.65
CA VAL B 85 22.21 -11.99 -2.45
C VAL B 85 23.06 -10.70 -2.42
N GLU B 86 22.41 -9.55 -2.61
CA GLU B 86 23.12 -8.27 -2.62
C GLU B 86 23.83 -7.96 -1.30
N LYS B 87 23.20 -8.34 -0.20
CA LYS B 87 23.75 -8.10 1.14
C LYS B 87 24.78 -9.17 1.54
N GLY B 88 24.99 -10.17 0.69
CA GLY B 88 26.02 -11.19 0.92
C GLY B 88 25.61 -12.31 1.86
N ILE B 89 24.31 -12.38 2.16
CA ILE B 89 23.75 -13.40 3.04
C ILE B 89 23.63 -14.73 2.31
N LEU B 90 23.15 -14.67 1.07
CA LEU B 90 22.99 -15.84 0.20
C LEU B 90 23.74 -15.64 -1.10
N THR B 91 23.93 -16.73 -1.84
CA THR B 91 24.43 -16.66 -3.20
C THR B 91 23.36 -17.06 -4.19
N GLN B 92 23.41 -16.52 -5.40
CA GLN B 92 22.49 -16.95 -6.44
C GLN B 92 22.67 -18.44 -6.76
N ASP B 93 23.92 -18.92 -6.71
CA ASP B 93 24.21 -20.33 -6.97
C ASP B 93 23.44 -21.25 -6.03
N GLU B 94 23.43 -20.94 -4.74
CA GLU B 94 22.75 -21.81 -3.80
C GLU B 94 21.23 -21.72 -3.97
N LEU B 95 20.72 -20.55 -4.33
CA LEU B 95 19.29 -20.41 -4.61
C LEU B 95 18.86 -21.26 -5.81
N GLU B 96 19.66 -21.23 -6.89
CA GLU B 96 19.32 -22.01 -8.08
C GLU B 96 19.53 -23.50 -7.86
N SER B 97 20.51 -23.85 -7.06
CA SER B 97 20.75 -25.26 -6.71
C SER B 97 19.58 -25.84 -5.93
N LEU B 98 19.12 -25.09 -4.92
CA LEU B 98 17.99 -25.50 -4.10
C LEU B 98 16.69 -25.48 -4.90
N ALA B 99 16.54 -24.48 -5.78
CA ALA B 99 15.34 -24.36 -6.61
C ALA B 99 15.27 -25.40 -7.72
N GLY B 100 16.43 -25.91 -8.13
CA GLY B 100 16.51 -26.88 -9.24
C GLY B 100 16.34 -26.26 -10.61
N GLY B 101 16.69 -24.99 -10.73
CA GLY B 101 16.54 -24.30 -11.99
C GLY B 101 16.75 -22.81 -11.85
N PRO B 102 16.50 -22.06 -12.93
CA PRO B 102 16.80 -20.62 -12.94
C PRO B 102 15.99 -19.82 -11.92
N PHE B 103 16.68 -18.87 -11.30
CA PHE B 103 16.10 -17.99 -10.31
C PHE B 103 16.61 -16.58 -10.61
N PRO B 104 16.17 -15.97 -11.74
CA PRO B 104 16.64 -14.63 -12.08
C PRO B 104 16.18 -13.61 -11.04
N LEU B 105 17.04 -12.63 -10.78
CA LEU B 105 16.82 -11.67 -9.71
C LEU B 105 16.56 -10.28 -10.29
N SER B 106 16.31 -9.30 -9.43
CA SER B 106 16.15 -7.91 -9.89
C SER B 106 17.49 -7.40 -10.40
N ARG B 107 17.43 -6.33 -11.19
CA ARG B 107 18.62 -5.74 -11.79
C ARG B 107 19.35 -4.93 -10.75
N PRO B 108 20.67 -4.81 -10.89
CA PRO B 108 21.43 -3.95 -9.98
C PRO B 108 20.90 -2.52 -9.99
N SER B 109 21.06 -1.83 -8.87
CA SER B 109 20.67 -0.44 -8.78
C SER B 109 21.56 0.46 -9.62
N GLU B 110 20.93 1.43 -10.26
CA GLU B 110 21.68 2.42 -11.05
C GLU B 110 21.83 3.77 -10.37
N SER B 111 21.46 3.82 -9.09
CA SER B 111 21.58 5.03 -8.28
C SER B 111 22.02 4.65 -6.87
N GLU B 112 22.84 5.52 -6.26
CA GLU B 112 23.25 5.31 -4.89
C GLU B 112 22.25 5.94 -3.92
N GLY B 113 21.16 6.48 -4.46
CA GLY B 113 20.15 7.15 -3.65
C GLY B 113 20.54 8.59 -3.37
N ARG B 114 19.80 9.24 -2.49
CA ARG B 114 20.13 10.61 -2.10
C ARG B 114 19.75 10.83 -0.64
N PRO B 115 20.42 11.77 0.03
CA PRO B 115 20.14 12.01 1.44
C PRO B 115 18.83 12.73 1.64
N ALA B 116 18.32 12.70 2.87
CA ALA B 116 17.23 13.58 3.24
C ALA B 116 17.65 15.02 2.94
N PRO B 117 16.77 15.80 2.29
CA PRO B 117 17.10 17.19 1.95
C PRO B 117 17.46 17.98 3.20
N VAL B 118 18.47 18.83 3.08
CA VAL B 118 18.87 19.68 4.22
C VAL B 118 17.85 20.81 4.41
N GLU B 119 17.36 21.35 3.30
CA GLU B 119 16.45 22.48 3.34
C GLU B 119 15.04 22.05 3.00
N THR B 120 14.17 22.07 4.01
CA THR B 120 12.75 21.77 3.86
C THR B 120 11.92 22.77 4.66
N THR B 121 10.61 22.68 4.50
CA THR B 121 9.67 23.61 5.18
C THR B 121 8.61 22.82 5.95
N THR B 122 8.30 23.28 7.16
CA THR B 122 7.18 22.73 7.92
C THR B 122 5.92 23.41 7.43
N PHE B 123 5.03 22.65 6.78
CA PHE B 123 3.78 23.19 6.27
C PHE B 123 2.62 23.01 7.24
N GLU B 124 1.61 23.87 7.09
CA GLU B 124 0.43 23.83 7.95
C GLU B 124 -0.81 23.43 7.16
N VAL B 125 -1.79 22.86 7.85
CA VAL B 125 -3.06 22.51 7.22
C VAL B 125 -3.63 23.75 6.52
N GLY B 126 -4.03 23.59 5.26
CA GLY B 126 -4.63 24.67 4.49
C GLY B 126 -3.64 25.36 3.55
N GLN B 127 -2.35 25.15 3.82
N GLN B 127 -2.33 25.17 3.80
CA GLN B 127 -1.28 25.70 3.00
CA GLN B 127 -1.31 25.80 2.96
C GLN B 127 -1.32 25.09 1.60
C GLN B 127 -1.18 25.15 1.60
N ARG B 128 -0.98 25.91 0.61
N ARG B 128 -0.87 25.96 0.59
CA ARG B 128 -0.78 25.41 -0.74
CA ARG B 128 -0.75 25.50 -0.78
C ARG B 128 0.68 25.03 -0.93
C ARG B 128 0.70 25.11 -1.08
N VAL B 129 0.90 23.88 -1.55
CA VAL B 129 2.26 23.39 -1.82
C VAL B 129 2.36 22.87 -3.24
N ARG B 130 3.58 22.87 -3.76
CA ARG B 130 3.87 22.28 -5.06
C ARG B 130 4.84 21.13 -4.82
N VAL B 131 4.63 20.05 -5.56
CA VAL B 131 5.54 18.92 -5.53
C VAL B 131 6.78 19.30 -6.33
N ARG B 132 7.96 19.17 -5.71
CA ARG B 132 9.22 19.57 -6.31
C ARG B 132 9.38 18.91 -7.67
N ASP B 133 9.78 19.72 -8.67
CA ASP B 133 9.97 19.27 -10.04
C ASP B 133 11.36 18.63 -10.17
N GLU B 134 11.47 17.44 -9.60
CA GLU B 134 12.74 16.71 -9.49
C GLU B 134 12.61 15.31 -10.06
N TYR B 135 13.72 14.82 -10.59
CA TYR B 135 13.79 13.47 -11.15
C TYR B 135 14.82 12.68 -10.36
N VAL B 136 14.36 11.58 -9.79
CA VAL B 136 15.17 10.75 -8.89
C VAL B 136 15.27 9.35 -9.51
N PRO B 137 16.49 8.93 -9.90
CA PRO B 137 16.63 7.63 -10.56
C PRO B 137 16.51 6.45 -9.60
N GLY B 138 16.79 6.67 -8.32
CA GLY B 138 16.63 5.63 -7.30
C GLY B 138 15.24 5.67 -6.71
N HIS B 139 15.10 5.10 -5.53
CA HIS B 139 13.81 4.97 -4.88
C HIS B 139 13.24 6.33 -4.51
N ILE B 140 11.94 6.51 -4.79
CA ILE B 140 11.20 7.70 -4.36
C ILE B 140 9.74 7.34 -4.15
N ARG B 141 9.11 7.94 -3.15
CA ARG B 141 7.69 7.68 -2.88
C ARG B 141 6.79 8.81 -3.38
N MET B 142 7.12 9.32 -4.56
CA MET B 142 6.31 10.31 -5.24
C MET B 142 5.91 9.68 -6.57
N PRO B 143 4.63 9.36 -6.76
CA PRO B 143 4.19 8.87 -8.08
C PRO B 143 4.26 10.01 -9.08
N ALA B 144 4.64 9.71 -10.33
CA ALA B 144 4.94 10.78 -11.30
C ALA B 144 3.75 11.70 -11.57
N TYR B 145 2.51 11.19 -11.40
CA TYR B 145 1.35 12.03 -11.72
C TYR B 145 1.26 13.31 -10.90
N CYS B 146 1.94 13.38 -9.77
CA CYS B 146 1.89 14.61 -8.97
C CYS B 146 3.14 15.49 -9.08
N ARG B 147 4.17 15.04 -9.82
CA ARG B 147 5.39 15.84 -9.94
C ARG B 147 5.06 17.21 -10.51
N GLY B 148 5.55 18.26 -9.84
CA GLY B 148 5.31 19.63 -10.29
C GLY B 148 3.90 20.17 -10.11
N ARG B 149 3.01 19.39 -9.50
CA ARG B 149 1.61 19.79 -9.34
C ARG B 149 1.36 20.49 -8.01
N VAL B 150 0.27 21.25 -7.95
CA VAL B 150 -0.06 22.04 -6.77
C VAL B 150 -1.29 21.48 -6.07
N GLY B 151 -1.22 21.45 -4.75
CA GLY B 151 -2.34 20.96 -3.94
C GLY B 151 -2.34 21.64 -2.58
N THR B 152 -3.27 21.23 -1.73
N THR B 152 -3.26 21.21 -1.71
CA THR B 152 -3.38 21.78 -0.38
CA THR B 152 -3.47 21.82 -0.38
C THR B 152 -3.06 20.75 0.68
C THR B 152 -3.24 20.80 0.76
N ILE B 153 -2.51 21.21 1.79
CA ILE B 153 -2.21 20.35 2.95
C ILE B 153 -3.49 20.05 3.74
N SER B 154 -3.82 18.76 3.87
CA SER B 154 -4.98 18.31 4.66
C SER B 154 -4.57 17.76 6.04
N HIS B 155 -3.30 17.36 6.16
CA HIS B 155 -2.78 16.71 7.37
C HIS B 155 -1.25 16.77 7.34
N ARG B 156 -0.65 17.09 8.50
CA ARG B 156 0.77 16.87 8.72
C ARG B 156 0.87 15.76 9.77
N THR B 157 1.63 14.72 9.47
CA THR B 157 1.73 13.61 10.43
C THR B 157 2.38 14.04 11.75
N THR B 158 1.94 13.40 12.83
CA THR B 158 2.48 13.65 14.17
C THR B 158 3.71 12.76 14.46
N GLU B 159 4.06 11.92 13.49
CA GLU B 159 5.26 11.09 13.56
C GLU B 159 6.16 11.42 12.36
N LYS B 160 7.40 10.98 12.47
CA LYS B 160 8.37 11.20 11.41
C LYS B 160 9.05 9.91 11.06
N TRP B 161 9.45 9.80 9.79
CA TRP B 161 10.07 8.58 9.30
C TRP B 161 11.29 8.88 8.43
N PRO B 162 12.19 7.88 8.27
CA PRO B 162 13.34 8.08 7.39
C PRO B 162 12.93 8.35 5.93
N PHE B 163 13.67 9.24 5.28
CA PHE B 163 13.43 9.61 3.88
C PHE B 163 13.61 8.39 2.98
N PRO B 164 12.55 8.02 2.23
CA PRO B 164 12.67 6.74 1.47
C PRO B 164 13.82 6.73 0.46
N ASP B 165 14.13 7.89 -0.12
CA ASP B 165 15.14 7.97 -1.18
C ASP B 165 16.53 7.64 -0.66
N ALA B 166 16.66 7.68 0.68
CA ALA B 166 17.89 7.29 1.34
C ALA B 166 17.84 5.88 1.93
N ILE B 167 16.85 5.62 2.78
CA ILE B 167 16.79 4.32 3.46
C ILE B 167 16.48 3.17 2.48
N GLY B 168 15.80 3.51 1.39
CA GLY B 168 15.54 2.52 0.32
C GLY B 168 16.82 2.06 -0.40
N HIS B 169 17.92 2.75 -0.15
CA HIS B 169 19.24 2.38 -0.65
C HIS B 169 20.18 1.96 0.47
N GLY B 170 19.63 1.85 1.68
CA GLY B 170 20.41 1.43 2.86
C GLY B 170 21.40 2.50 3.30
N ARG B 171 21.12 3.77 2.99
CA ARG B 171 22.03 4.86 3.33
C ARG B 171 21.95 5.23 4.81
N ASN B 172 23.00 5.87 5.32
CA ASN B 172 23.04 6.30 6.72
C ASN B 172 22.47 7.70 6.98
N ASP B 173 22.00 8.36 5.92
CA ASP B 173 21.61 9.77 5.99
C ASP B 173 20.14 10.04 5.66
N ALA B 174 19.27 9.09 6.00
CA ALA B 174 17.84 9.20 5.76
C ALA B 174 17.15 10.17 6.74
N GLY B 175 17.81 10.49 7.85
CA GLY B 175 17.21 11.36 8.85
C GLY B 175 15.78 10.99 9.21
N GLU B 176 14.93 12.00 9.34
CA GLU B 176 13.51 11.82 9.62
C GLU B 176 12.70 13.04 9.21
N GLU B 177 11.56 12.78 8.60
CA GLU B 177 10.65 13.82 8.16
C GLU B 177 9.22 13.38 8.43
N PRO B 178 8.33 14.34 8.66
CA PRO B 178 6.90 14.02 8.64
C PRO B 178 6.45 13.90 7.19
N THR B 179 5.24 13.38 6.99
CA THR B 179 4.64 13.38 5.67
C THR B 179 3.38 14.23 5.72
N TYR B 180 2.88 14.54 4.53
CA TYR B 180 1.74 15.43 4.41
C TYR B 180 0.72 14.82 3.50
N HIS B 181 -0.54 14.88 3.92
CA HIS B 181 -1.63 14.48 3.03
C HIS B 181 -1.90 15.69 2.15
N VAL B 182 -1.55 15.58 0.88
CA VAL B 182 -1.71 16.71 -0.04
C VAL B 182 -2.88 16.40 -0.96
N LYS B 183 -3.90 17.25 -0.94
CA LYS B 183 -5.09 17.09 -1.76
C LYS B 183 -4.93 17.83 -3.07
N PHE B 184 -5.01 17.09 -4.17
CA PHE B 184 -4.99 17.65 -5.52
C PHE B 184 -6.37 17.53 -6.16
N ALA B 185 -6.81 18.57 -6.87
CA ALA B 185 -7.99 18.43 -7.70
C ALA B 185 -7.67 17.45 -8.82
N ALA B 186 -8.65 16.62 -9.19
CA ALA B 186 -8.47 15.65 -10.28
C ALA B 186 -7.97 16.34 -11.55
N GLU B 187 -8.52 17.53 -11.85
CA GLU B 187 -8.16 18.27 -13.06
C GLU B 187 -6.73 18.82 -13.02
N GLU B 188 -6.18 19.01 -11.83
CA GLU B 188 -4.77 19.40 -11.69
C GLU B 188 -3.86 18.26 -12.17
N LEU B 189 -4.30 17.02 -11.94
CA LEU B 189 -3.47 15.86 -12.29
C LEU B 189 -3.69 15.29 -13.68
N PHE B 190 -4.94 15.34 -14.17
CA PHE B 190 -5.30 14.69 -15.43
C PHE B 190 -6.11 15.58 -16.36
N GLY B 191 -6.11 16.88 -16.10
CA GLY B 191 -6.86 17.81 -16.98
C GLY B 191 -8.32 17.40 -17.09
N SER B 192 -8.84 17.43 -18.31
CA SER B 192 -10.24 17.04 -18.54
C SER B 192 -10.45 15.52 -18.57
N ASP B 193 -9.36 14.75 -18.51
CA ASP B 193 -9.40 13.30 -18.73
C ASP B 193 -9.40 12.47 -17.44
N THR B 194 -10.43 12.70 -16.63
CA THR B 194 -10.62 12.06 -15.34
C THR B 194 -12.10 12.20 -15.00
N ASP B 195 -12.65 11.22 -14.28
CA ASP B 195 -14.03 11.32 -13.80
C ASP B 195 -14.10 11.55 -12.27
N GLY B 196 -12.92 11.76 -11.69
CA GLY B 196 -12.77 11.85 -10.23
C GLY B 196 -12.96 13.26 -9.68
N GLY B 197 -12.73 13.39 -8.39
CA GLY B 197 -12.97 14.67 -7.70
C GLY B 197 -11.64 15.19 -7.19
N SER B 198 -11.05 14.44 -6.26
CA SER B 198 -9.76 14.82 -5.73
C SER B 198 -8.93 13.56 -5.48
N VAL B 199 -7.63 13.75 -5.38
CA VAL B 199 -6.71 12.67 -5.05
C VAL B 199 -5.83 13.18 -3.93
N VAL B 200 -5.71 12.40 -2.86
CA VAL B 200 -4.84 12.76 -1.74
C VAL B 200 -3.62 11.86 -1.72
N VAL B 201 -2.45 12.47 -1.86
CA VAL B 201 -1.17 11.75 -1.90
C VAL B 201 -0.40 12.03 -0.59
N ASP B 202 0.21 10.98 -0.01
CA ASP B 202 0.89 11.12 1.28
C ASP B 202 2.38 11.36 1.01
N LEU B 203 2.79 12.62 1.04
CA LEU B 203 4.11 13.01 0.53
C LEU B 203 5.07 13.47 1.63
N PHE B 204 6.27 12.90 1.61
CA PHE B 204 7.35 13.37 2.49
C PHE B 204 7.65 14.85 2.33
N GLU B 205 7.98 15.49 3.44
CA GLU B 205 8.28 16.93 3.45
C GLU B 205 9.29 17.32 2.37
N GLY B 206 10.29 16.46 2.16
CA GLY B 206 11.38 16.71 1.22
C GLY B 206 10.96 16.65 -0.24
N TYR B 207 9.71 16.25 -0.50
CA TYR B 207 9.17 16.27 -1.86
C TYR B 207 8.40 17.57 -2.18
N LEU B 208 8.28 18.47 -1.20
CA LEU B 208 7.37 19.60 -1.33
C LEU B 208 8.08 20.94 -1.23
N GLU B 209 7.41 21.97 -1.74
CA GLU B 209 7.90 23.36 -1.63
C GLU B 209 6.68 24.28 -1.57
N PRO B 210 6.84 25.49 -1.00
CA PRO B 210 5.69 26.42 -1.06
C PRO B 210 5.22 26.68 -2.49
N ALA B 211 3.91 26.81 -2.67
CA ALA B 211 3.34 27.11 -4.00
C ALA B 211 3.48 28.60 -4.29
N ALA B 212 3.96 28.92 -5.49
CA ALA B 212 4.27 30.30 -5.90
C ALA B 212 5.58 30.84 -5.30
FE FE C . 1.93 -0.81 -1.52
#